data_4NPL
#
_entry.id   4NPL
#
_cell.length_a   65.948
_cell.length_b   68.595
_cell.length_c   114.909
_cell.angle_alpha   90.00
_cell.angle_beta   90.00
_cell.angle_gamma   90.00
#
_symmetry.space_group_name_H-M   'P 21 21 21'
#
loop_
_entity.id
_entity.type
_entity.pdbx_description
1 polymer 'RNA demethylase ALKBH5'
2 non-polymer 'MANGANESE (II) ION'
3 non-polymer '2-OXOGLUTARIC ACID'
4 water water
#
_entity_poly.entity_id   1
_entity_poly.type   'polypeptide(L)'
_entity_poly.pdbx_seq_one_letter_code
;DESEYEERRDAEARRVKSGIKQASIFTLEECARIEAKIDEVVAKADKGLYREHTVDRAPLRNKYFFGEGYTYGAQLEKRG
PGQERLYSKGEVDDIPDWVHELVIDRLVTHGVIPEGFVNSAVINDYQPGGCIVSHVDPIHIFERPIVSVSFFSDSALCFG
CKFLFKPIRVSEPVLHLPVRRGSVTVLSGYAADDITHCIRPQDIKERRAVIILRKTRADAPRLDSNSLSPSIVSPKRRHI
LKAKRSHRKA
;
_entity_poly.pdbx_strand_id   A,B
#
loop_
_chem_comp.id
_chem_comp.type
_chem_comp.name
_chem_comp.formula
AKG non-polymer '2-OXOGLUTARIC ACID' 'C5 H6 O5'
MN non-polymer 'MANGANESE (II) ION' 'Mn 2'
#
# COMPACT_ATOMS: atom_id res chain seq x y z
N GLU A 2 11.16 23.82 9.64
CA GLU A 2 10.50 24.59 8.59
C GLU A 2 9.85 23.67 7.56
N SER A 3 8.82 24.18 6.89
CA SER A 3 8.29 23.55 5.69
C SER A 3 8.75 24.40 4.49
N GLU A 4 8.82 23.84 3.28
CA GLU A 4 8.16 22.60 2.89
C GLU A 4 8.81 21.30 3.38
N TYR A 5 9.98 21.38 4.01
CA TYR A 5 10.67 20.16 4.44
C TYR A 5 9.79 19.24 5.29
N GLU A 6 9.30 19.77 6.41
CA GLU A 6 8.48 19.01 7.34
C GLU A 6 7.23 18.45 6.66
N GLU A 7 6.58 19.30 5.87
CA GLU A 7 5.39 18.91 5.11
C GLU A 7 5.70 17.77 4.14
N ARG A 8 6.81 17.89 3.41
CA ARG A 8 7.16 16.89 2.41
C ARG A 8 7.67 15.59 3.03
N ARG A 9 8.42 15.70 4.14
CA ARG A 9 8.85 14.51 4.88
C ARG A 9 7.64 13.78 5.43
N ASP A 10 6.70 14.54 6.01
CA ASP A 10 5.54 13.94 6.64
C ASP A 10 4.64 13.29 5.59
N ALA A 11 4.50 13.94 4.43
CA ALA A 11 3.74 13.37 3.33
C ALA A 11 4.28 12.04 2.87
N GLU A 12 5.60 11.93 2.71
CA GLU A 12 6.14 10.64 2.30
C GLU A 12 6.04 9.63 3.44
N ALA A 13 6.21 10.08 4.67
CA ALA A 13 6.10 9.18 5.81
C ALA A 13 4.70 8.55 5.89
N ARG A 14 3.68 9.33 5.54
CA ARG A 14 2.32 8.80 5.46
C ARG A 14 2.19 7.72 4.41
N ARG A 15 2.90 7.88 3.28
CA ARG A 15 2.91 6.85 2.25
C ARG A 15 3.56 5.57 2.75
N VAL A 16 4.67 5.72 3.46
CA VAL A 16 5.35 4.56 4.03
C VAL A 16 4.43 3.87 5.02
N LYS A 17 3.83 4.64 5.92
CA LYS A 17 2.95 4.05 6.94
C LYS A 17 1.76 3.31 6.33
N SER A 18 1.31 3.76 5.15
CA SER A 18 0.16 3.11 4.50
C SER A 18 0.47 1.66 4.13
N GLY A 19 1.75 1.35 4.01
CA GLY A 19 2.19 -0.01 3.72
C GLY A 19 2.78 -0.72 4.93
N ILE A 20 2.46 -0.23 6.12
CA ILE A 20 2.90 -0.90 7.35
C ILE A 20 1.70 -1.29 8.21
N LYS A 21 1.59 -2.57 8.54
CA LYS A 21 0.66 -3.00 9.57
C LYS A 21 1.46 -3.65 10.68
N GLN A 22 1.07 -3.41 11.94
CA GLN A 22 1.75 -4.04 13.04
C GLN A 22 0.77 -4.78 13.93
N ALA A 23 1.27 -5.85 14.54
CA ALA A 23 0.49 -6.67 15.46
C ALA A 23 1.37 -7.08 16.61
N SER A 24 0.78 -7.63 17.65
CA SER A 24 1.57 -8.20 18.73
C SER A 24 1.36 -9.70 18.75
N ILE A 25 0.21 -10.11 19.29
CA ILE A 25 -0.23 -11.51 19.33
C ILE A 25 0.61 -12.36 20.29
N PHE A 26 1.91 -12.43 20.06
CA PHE A 26 2.79 -13.17 20.96
C PHE A 26 2.91 -12.51 22.33
N THR A 27 2.64 -13.27 23.39
CA THR A 27 2.92 -12.77 24.74
C THR A 27 4.43 -12.79 24.96
N LEU A 28 4.91 -12.09 26.00
CA LEU A 28 6.34 -12.12 26.29
C LEU A 28 6.81 -13.52 26.67
N GLU A 29 5.97 -14.29 27.36
CA GLU A 29 6.30 -15.66 27.68
C GLU A 29 6.42 -16.51 26.39
N GLU A 30 5.52 -16.26 25.44
CA GLU A 30 5.63 -16.94 24.14
C GLU A 30 6.88 -16.47 23.40
N CYS A 31 7.28 -15.22 23.59
CA CYS A 31 8.54 -14.73 23.02
C CYS A 31 9.77 -15.42 23.61
N ALA A 32 9.78 -15.60 24.93
CA ALA A 32 10.93 -16.23 25.56
C ALA A 32 11.10 -17.66 25.01
N ARG A 33 9.97 -18.31 24.70
CA ARG A 33 10.02 -19.68 24.19
C ARG A 33 10.65 -19.73 22.81
N ILE A 34 10.22 -18.82 21.95
CA ILE A 34 10.79 -18.70 20.62
C ILE A 34 12.26 -18.29 20.70
N GLU A 35 12.58 -17.40 21.62
CA GLU A 35 13.96 -16.95 21.82
C GLU A 35 14.87 -18.13 22.18
N ALA A 36 14.35 -19.07 22.96
CA ALA A 36 15.13 -20.26 23.29
C ALA A 36 15.40 -21.09 22.05
N LYS A 37 14.45 -21.15 21.14
CA LYS A 37 14.67 -21.87 19.89
C LYS A 37 15.67 -21.14 18.99
N ILE A 38 15.63 -19.81 19.00
CA ILE A 38 16.60 -19.05 18.21
C ILE A 38 18.01 -19.30 18.73
N ASP A 39 18.15 -19.34 20.05
CA ASP A 39 19.45 -19.66 20.63
C ASP A 39 19.91 -21.05 20.18
N GLU A 40 18.97 -21.99 20.03
CA GLU A 40 19.32 -23.35 19.61
C GLU A 40 19.87 -23.37 18.18
N VAL A 41 19.30 -22.52 17.34
CA VAL A 41 19.74 -22.40 15.95
C VAL A 41 21.17 -21.84 15.91
N VAL A 42 21.43 -20.80 16.69
CA VAL A 42 22.76 -20.21 16.78
C VAL A 42 23.79 -21.25 17.22
N ALA A 43 23.45 -22.00 18.25
CA ALA A 43 24.35 -23.03 18.75
C ALA A 43 24.62 -24.13 17.70
N LYS A 44 23.58 -24.54 17.00
CA LYS A 44 23.70 -25.58 15.99
C LYS A 44 24.59 -25.13 14.84
N ALA A 45 24.40 -23.87 14.42
CA ALA A 45 25.23 -23.28 13.38
C ALA A 45 26.69 -23.19 13.83
N ASP A 46 26.89 -22.88 15.10
CA ASP A 46 28.24 -22.73 15.64
C ASP A 46 28.98 -24.04 15.63
N LYS A 47 28.22 -25.13 15.72
CA LYS A 47 28.82 -26.46 15.68
C LYS A 47 28.97 -26.97 14.25
N GLY A 48 28.63 -26.13 13.27
CA GLY A 48 28.80 -26.47 11.87
C GLY A 48 27.89 -27.59 11.40
N LEU A 49 26.67 -27.63 11.94
CA LEU A 49 25.74 -28.72 11.68
C LEU A 49 24.72 -28.41 10.59
N TYR A 50 24.82 -27.22 10.00
CA TYR A 50 23.93 -26.84 8.90
C TYR A 50 24.62 -26.94 7.54
N ARG A 51 23.83 -26.90 6.48
CA ARG A 51 24.37 -26.68 5.15
C ARG A 51 25.09 -25.33 5.10
N GLU A 52 26.15 -25.26 4.28
CA GLU A 52 26.97 -24.05 4.15
C GLU A 52 26.17 -22.76 3.95
N HIS A 53 25.29 -22.72 2.95
CA HIS A 53 24.62 -21.46 2.58
C HIS A 53 23.53 -21.04 3.57
N THR A 54 23.22 -21.92 4.52
CA THR A 54 22.26 -21.60 5.56
C THR A 54 22.75 -20.45 6.42
N VAL A 55 24.06 -20.40 6.65
CA VAL A 55 24.64 -19.47 7.62
C VAL A 55 25.53 -18.42 6.98
N ASP A 56 25.18 -17.16 7.18
CA ASP A 56 26.00 -16.06 6.68
C ASP A 56 26.46 -15.21 7.86
N ARG A 57 27.76 -14.99 7.95
CA ARG A 57 28.32 -14.29 9.11
C ARG A 57 28.94 -12.96 8.74
N ALA A 58 28.60 -11.95 9.54
CA ALA A 58 29.09 -10.59 9.37
C ALA A 58 29.55 -10.11 10.75
N PRO A 59 30.33 -9.01 10.82
CA PRO A 59 30.91 -8.58 12.10
C PRO A 59 29.98 -8.60 13.32
N LEU A 60 28.81 -7.97 13.23
CA LEU A 60 27.93 -7.89 14.39
C LEU A 60 26.55 -8.47 14.08
N ARG A 61 26.51 -9.35 13.09
CA ARG A 61 25.25 -9.84 12.58
C ARG A 61 25.42 -11.17 11.87
N ASN A 62 24.59 -12.13 12.25
CA ASN A 62 24.53 -13.39 11.55
C ASN A 62 23.16 -13.55 10.91
N LYS A 63 23.12 -14.14 9.72
CA LYS A 63 21.85 -14.47 9.10
C LYS A 63 21.75 -15.98 8.94
N TYR A 64 20.55 -16.52 9.16
CA TYR A 64 20.29 -17.94 9.03
C TYR A 64 19.14 -18.13 8.07
N PHE A 65 19.44 -18.70 6.91
CA PHE A 65 18.47 -18.84 5.81
C PHE A 65 17.81 -20.22 5.79
N PHE A 66 16.48 -20.26 5.84
CA PHE A 66 15.77 -21.53 5.76
C PHE A 66 14.70 -21.52 4.67
N GLY A 67 14.51 -22.66 4.02
CA GLY A 67 13.47 -22.76 3.02
C GLY A 67 14.00 -22.32 1.67
N GLU A 68 14.42 -21.06 1.58
CA GLU A 68 15.05 -20.53 0.38
C GLU A 68 16.18 -19.58 0.79
N GLY A 69 17.22 -19.52 -0.01
CA GLY A 69 18.28 -18.56 0.21
C GLY A 69 18.54 -17.83 -1.09
N TYR A 70 19.21 -16.68 -1.03
CA TYR A 70 19.49 -15.97 -2.25
C TYR A 70 20.82 -15.23 -2.19
N THR A 71 21.52 -15.24 -3.32
CA THR A 71 22.82 -14.60 -3.53
C THR A 71 23.63 -14.28 -2.25
N GLN A 83 19.24 -8.35 -9.84
CA GLN A 83 20.16 -9.41 -10.24
C GLN A 83 20.29 -10.50 -9.17
N GLU A 84 19.58 -10.34 -8.06
CA GLU A 84 19.56 -11.39 -7.04
C GLU A 84 18.93 -12.65 -7.59
N ARG A 85 19.39 -13.80 -7.11
CA ARG A 85 18.88 -15.09 -7.55
C ARG A 85 18.74 -16.01 -6.35
N LEU A 86 17.73 -16.87 -6.36
CA LEU A 86 17.63 -17.93 -5.36
C LEU A 86 18.74 -18.97 -5.57
N TYR A 87 19.21 -19.58 -4.48
CA TYR A 87 20.07 -20.76 -4.60
C TYR A 87 19.28 -21.92 -5.20
N SER A 88 19.97 -22.90 -5.77
CA SER A 88 19.32 -24.14 -6.20
C SER A 88 18.62 -24.80 -5.01
N LYS A 89 17.60 -25.61 -5.30
CA LYS A 89 16.84 -26.26 -4.23
C LYS A 89 17.80 -27.15 -3.43
N GLY A 90 17.63 -27.14 -2.11
CA GLY A 90 18.41 -28.00 -1.24
C GLY A 90 19.76 -27.45 -0.81
N GLU A 91 20.03 -26.19 -1.14
CA GLU A 91 21.28 -25.57 -0.77
C GLU A 91 21.22 -25.01 0.64
N VAL A 92 20.04 -24.58 1.08
CA VAL A 92 19.87 -24.14 2.45
C VAL A 92 19.01 -25.13 3.22
N ASP A 93 18.99 -25.01 4.54
CA ASP A 93 18.23 -25.93 5.39
C ASP A 93 16.74 -25.67 5.34
N ASP A 94 15.96 -26.69 5.67
CA ASP A 94 14.51 -26.57 5.70
C ASP A 94 14.09 -25.70 6.88
N ILE A 95 12.95 -25.04 6.74
CA ILE A 95 12.35 -24.31 7.86
C ILE A 95 12.17 -25.25 9.05
N PRO A 96 12.77 -24.92 10.20
CA PRO A 96 12.61 -25.77 11.39
C PRO A 96 11.15 -25.94 11.78
N ASP A 97 10.81 -27.12 12.32
CA ASP A 97 9.44 -27.39 12.74
C ASP A 97 8.93 -26.32 13.72
N TRP A 98 9.79 -25.84 14.62
CA TRP A 98 9.33 -24.85 15.60
C TRP A 98 8.97 -23.52 14.96
N VAL A 99 9.59 -23.18 13.84
CA VAL A 99 9.19 -21.95 13.15
C VAL A 99 7.76 -22.11 12.65
N HIS A 100 7.42 -23.28 12.12
CA HIS A 100 6.05 -23.53 11.69
C HIS A 100 5.10 -23.50 12.88
N GLU A 101 5.42 -24.30 13.90
CA GLU A 101 4.54 -24.49 15.05
C GLU A 101 4.33 -23.23 15.89
N LEU A 102 5.42 -22.53 16.21
CA LEU A 102 5.35 -21.43 17.16
C LEU A 102 5.13 -20.06 16.54
N VAL A 103 5.47 -19.92 15.27
CA VAL A 103 5.45 -18.60 14.63
C VAL A 103 4.49 -18.57 13.45
N ILE A 104 4.79 -19.32 12.38
CA ILE A 104 3.95 -19.27 11.17
C ILE A 104 2.51 -19.68 11.46
N ASP A 105 2.32 -20.78 12.17
CA ASP A 105 0.96 -21.22 12.46
C ASP A 105 0.16 -20.19 13.25
N ARG A 106 0.81 -19.51 14.20
CA ARG A 106 0.15 -18.45 14.98
C ARG A 106 -0.37 -17.33 14.09
N LEU A 107 0.48 -16.89 13.17
CA LEU A 107 0.14 -15.80 12.27
C LEU A 107 -0.96 -16.22 11.29
N VAL A 108 -0.95 -17.49 10.89
CA VAL A 108 -2.01 -18.00 10.03
C VAL A 108 -3.35 -18.03 10.76
N THR A 109 -3.33 -18.54 11.99
CA THR A 109 -4.54 -18.63 12.81
C THR A 109 -5.17 -17.23 13.01
N HIS A 110 -4.32 -16.23 13.16
CA HIS A 110 -4.79 -14.86 13.36
C HIS A 110 -5.02 -14.09 12.08
N GLY A 111 -4.91 -14.77 10.94
CA GLY A 111 -5.23 -14.19 9.66
C GLY A 111 -4.27 -13.14 9.13
N VAL A 112 -3.04 -13.13 9.66
CA VAL A 112 -2.03 -12.18 9.21
C VAL A 112 -1.53 -12.57 7.82
N ILE A 113 -1.36 -13.88 7.63
CA ILE A 113 -0.97 -14.47 6.35
C ILE A 113 -1.81 -15.71 6.11
N PRO A 114 -1.99 -16.09 4.84
CA PRO A 114 -2.75 -17.31 4.59
C PRO A 114 -1.90 -18.56 4.80
N GLU A 115 -2.57 -19.69 5.03
CA GLU A 115 -1.91 -20.98 5.11
C GLU A 115 -1.14 -21.29 3.81
N GLY A 116 0.11 -21.73 3.96
CA GLY A 116 0.91 -22.10 2.80
C GLY A 116 1.61 -20.95 2.10
N PHE A 117 1.47 -19.75 2.63
CA PHE A 117 2.13 -18.58 2.05
C PHE A 117 3.64 -18.65 2.25
N VAL A 118 4.06 -18.84 3.49
CA VAL A 118 5.46 -18.76 3.84
C VAL A 118 6.23 -19.99 3.37
N ASN A 119 7.27 -19.77 2.57
CA ASN A 119 8.17 -20.86 2.20
C ASN A 119 9.62 -20.46 2.42
N SER A 120 9.83 -19.27 2.97
CA SER A 120 11.15 -18.76 3.29
C SER A 120 11.14 -18.15 4.69
N ALA A 121 12.06 -18.60 5.55
CA ALA A 121 12.24 -17.98 6.86
C ALA A 121 13.71 -17.64 7.06
N VAL A 122 13.98 -16.37 7.34
CA VAL A 122 15.36 -15.95 7.63
C VAL A 122 15.45 -15.41 9.04
N ILE A 123 16.41 -15.90 9.82
CA ILE A 123 16.65 -15.31 11.14
C ILE A 123 17.88 -14.41 11.07
N ASN A 124 17.70 -13.13 11.41
CA ASN A 124 18.82 -12.23 11.57
C ASN A 124 19.10 -12.06 13.05
N ASP A 125 20.35 -12.23 13.47
CA ASP A 125 20.72 -12.09 14.87
C ASP A 125 21.76 -10.98 14.98
N TYR A 126 21.39 -9.88 15.64
CA TYR A 126 22.27 -8.72 15.77
C TYR A 126 22.89 -8.60 17.15
N GLN A 127 24.21 -8.40 17.20
CA GLN A 127 24.85 -7.93 18.41
C GLN A 127 24.71 -6.41 18.49
N PRO A 128 24.90 -5.82 19.68
CA PRO A 128 24.87 -4.37 19.80
C PRO A 128 25.80 -3.70 18.78
N GLY A 129 25.30 -2.66 18.13
CA GLY A 129 26.05 -1.99 17.09
C GLY A 129 25.87 -2.61 15.72
N GLY A 130 25.22 -3.77 15.65
CA GLY A 130 24.92 -4.41 14.38
C GLY A 130 23.93 -3.60 13.57
N CYS A 131 23.81 -3.93 12.29
CA CYS A 131 22.91 -3.19 11.41
C CYS A 131 22.58 -3.99 10.16
N ILE A 132 21.66 -3.45 9.34
CA ILE A 132 21.50 -3.94 7.98
C ILE A 132 21.28 -2.74 7.08
N VAL A 133 22.08 -2.68 6.02
CA VAL A 133 22.13 -1.53 5.14
CA VAL A 133 22.14 -1.55 5.12
C VAL A 133 20.83 -1.43 4.33
N SER A 134 20.42 -0.20 4.06
CA SER A 134 19.22 0.11 3.30
C SER A 134 19.10 -0.73 2.05
N HIS A 135 17.93 -1.35 1.90
CA HIS A 135 17.66 -2.20 0.76
C HIS A 135 16.17 -2.30 0.54
N VAL A 136 15.79 -2.82 -0.63
CA VAL A 136 14.43 -3.25 -0.94
C VAL A 136 14.46 -4.76 -1.07
N ASP A 137 13.53 -5.46 -0.43
CA ASP A 137 13.49 -6.92 -0.59
C ASP A 137 13.22 -7.21 -2.06
N PRO A 138 14.08 -8.05 -2.68
CA PRO A 138 14.09 -8.24 -4.13
C PRO A 138 12.70 -8.54 -4.66
N ILE A 139 12.21 -7.62 -5.47
CA ILE A 139 10.84 -7.66 -5.93
C ILE A 139 10.63 -8.77 -6.98
N HIS A 140 11.71 -9.21 -7.61
CA HIS A 140 11.61 -10.30 -8.58
CA HIS A 140 11.69 -10.30 -8.58
C HIS A 140 11.72 -11.66 -7.88
N ILE A 141 12.12 -11.64 -6.62
CA ILE A 141 12.25 -12.86 -5.83
C ILE A 141 11.07 -13.10 -4.90
N PHE A 142 10.64 -12.05 -4.19
CA PHE A 142 9.66 -12.21 -3.13
C PHE A 142 8.31 -11.57 -3.43
N GLU A 143 7.25 -12.33 -3.19
CA GLU A 143 5.91 -11.78 -3.16
C GLU A 143 5.79 -10.85 -1.97
N ARG A 144 4.72 -10.07 -1.95
CA ARG A 144 4.36 -9.30 -0.77
C ARG A 144 3.08 -9.89 -0.17
N PRO A 145 2.83 -9.67 1.12
CA PRO A 145 3.57 -8.85 2.09
C PRO A 145 4.82 -9.56 2.62
N ILE A 146 5.70 -8.77 3.22
CA ILE A 146 6.89 -9.27 3.91
C ILE A 146 6.60 -9.15 5.41
N VAL A 147 6.72 -10.24 6.14
CA VAL A 147 6.35 -10.27 7.54
C VAL A 147 7.58 -10.50 8.41
N SER A 148 7.75 -9.69 9.45
CA SER A 148 8.86 -9.92 10.38
C SER A 148 8.33 -9.97 11.79
N VAL A 149 8.97 -10.80 12.61
CA VAL A 149 8.66 -10.86 14.04
C VAL A 149 9.96 -10.64 14.80
N SER A 150 9.95 -9.70 15.73
CA SER A 150 11.15 -9.25 16.44
C SER A 150 11.28 -9.85 17.82
N PHE A 151 12.52 -10.15 18.22
CA PHE A 151 12.76 -10.83 19.49
C PHE A 151 13.91 -10.25 20.29
N PHE A 152 13.96 -10.62 21.58
CA PHE A 152 15.01 -10.30 22.56
C PHE A 152 14.99 -8.88 23.09
N SER A 153 14.80 -7.88 22.22
CA SER A 153 14.79 -6.49 22.67
C SER A 153 14.05 -5.56 21.72
N ASP A 154 13.87 -4.33 22.19
CA ASP A 154 13.21 -3.27 21.43
C ASP A 154 14.20 -2.58 20.51
N SER A 155 13.71 -2.19 19.33
CA SER A 155 14.56 -1.51 18.38
C SER A 155 13.67 -0.67 17.47
N ALA A 156 14.14 -0.44 16.25
CA ALA A 156 13.41 0.42 15.32
C ALA A 156 13.80 0.05 13.90
N LEU A 157 12.82 0.12 13.00
CA LEU A 157 13.01 -0.10 11.57
C LEU A 157 12.95 1.27 10.91
N CYS A 158 13.95 1.63 10.11
CA CYS A 158 13.94 2.94 9.45
C CYS A 158 13.78 2.80 7.95
N PHE A 159 13.17 3.82 7.33
CA PHE A 159 12.92 3.83 5.89
C PHE A 159 13.57 5.04 5.22
N GLY A 160 14.24 4.79 4.10
CA GLY A 160 14.74 5.89 3.29
C GLY A 160 16.15 6.38 3.64
N CYS A 161 16.77 5.77 4.63
CA CYS A 161 18.13 6.16 5.02
C CYS A 161 19.13 5.84 3.91
N LYS A 162 20.14 6.70 3.78
CA LYS A 162 21.31 6.38 2.96
C LYS A 162 22.49 6.12 3.88
N PHE A 163 23.20 5.02 3.63
CA PHE A 163 24.42 4.71 4.35
C PHE A 163 25.58 5.34 3.60
N LEU A 164 26.16 6.37 4.21
CA LEU A 164 27.14 7.21 3.53
C LEU A 164 28.56 6.92 3.99
N PHE A 165 29.52 7.33 3.17
CA PHE A 165 30.93 7.17 3.50
C PHE A 165 31.64 8.53 3.40
N LYS A 166 32.86 8.57 3.91
CA LYS A 166 33.70 9.77 3.87
C LYS A 166 33.01 11.05 4.35
N PRO A 167 32.64 11.10 5.65
CA PRO A 167 32.84 10.07 6.67
C PRO A 167 31.65 9.10 6.79
N ILE A 168 31.82 8.04 7.56
CA ILE A 168 30.74 7.07 7.79
C ILE A 168 29.59 7.72 8.53
N ARG A 169 28.40 7.66 7.93
CA ARG A 169 27.20 8.18 8.57
C ARG A 169 25.95 7.53 7.99
N VAL A 170 24.84 7.66 8.70
CA VAL A 170 23.55 7.23 8.16
C VAL A 170 22.67 8.46 8.09
N SER A 171 22.04 8.67 6.95
CA SER A 171 21.23 9.87 6.79
C SER A 171 19.87 9.72 7.50
N GLU A 172 19.14 10.81 7.54
CA GLU A 172 17.90 10.97 8.29
C GLU A 172 16.81 10.08 7.74
N PRO A 173 16.12 9.34 8.62
CA PRO A 173 15.00 8.51 8.16
C PRO A 173 13.81 9.32 7.67
N VAL A 174 13.20 8.84 6.59
CA VAL A 174 11.91 9.35 6.17
C VAL A 174 10.87 8.95 7.22
N LEU A 175 11.01 7.71 7.70
CA LEU A 175 10.17 7.19 8.77
C LEU A 175 11.02 6.32 9.71
N HIS A 176 10.84 6.57 11.01
CA HIS A 176 11.41 5.78 12.09
C HIS A 176 10.26 5.00 12.75
N LEU A 177 10.27 3.68 12.60
CA LEU A 177 9.20 2.81 13.12
C LEU A 177 9.67 2.00 14.33
N PRO A 178 9.16 2.32 15.52
CA PRO A 178 9.54 1.52 16.68
C PRO A 178 9.09 0.09 16.50
N VAL A 179 9.96 -0.85 16.86
N VAL A 179 9.93 -0.85 16.89
CA VAL A 179 9.60 -2.26 16.81
CA VAL A 179 9.53 -2.25 16.83
C VAL A 179 9.94 -2.88 18.16
C VAL A 179 9.89 -2.92 18.16
N ARG A 180 8.90 -3.14 18.95
N ARG A 180 8.86 -3.12 18.98
CA ARG A 180 9.09 -3.72 20.27
CA ARG A 180 9.05 -3.72 20.28
C ARG A 180 9.41 -5.19 20.14
C ARG A 180 9.40 -5.18 20.15
N ARG A 181 9.98 -5.74 21.19
CA ARG A 181 10.13 -7.17 21.30
C ARG A 181 8.77 -7.82 21.16
N GLY A 182 8.69 -8.84 20.30
CA GLY A 182 7.44 -9.53 20.03
C GLY A 182 6.59 -8.89 18.95
N SER A 183 7.03 -7.76 18.41
CA SER A 183 6.25 -7.04 17.40
CA SER A 183 6.25 -7.04 17.40
CA SER A 183 6.23 -7.06 17.42
C SER A 183 6.25 -7.76 16.06
N VAL A 184 5.07 -7.78 15.43
CA VAL A 184 4.89 -8.32 14.08
C VAL A 184 4.76 -7.13 13.15
N THR A 185 5.62 -7.08 12.14
CA THR A 185 5.60 -5.98 11.18
C THR A 185 5.33 -6.51 9.78
N VAL A 186 4.33 -5.92 9.12
CA VAL A 186 3.89 -6.42 7.83
C VAL A 186 4.08 -5.31 6.79
N LEU A 187 4.99 -5.54 5.86
N LEU A 187 4.97 -5.57 5.85
CA LEU A 187 5.32 -4.55 4.84
CA LEU A 187 5.32 -4.61 4.80
C LEU A 187 4.66 -4.87 3.49
C LEU A 187 4.63 -4.89 3.49
N SER A 188 4.02 -3.85 2.91
CA SER A 188 3.37 -3.98 1.60
C SER A 188 3.45 -2.65 0.88
N GLY A 189 2.97 -2.62 -0.36
CA GLY A 189 2.79 -1.36 -1.07
C GLY A 189 4.03 -0.49 -1.08
N TYR A 190 3.83 0.77 -0.76
CA TYR A 190 4.89 1.75 -0.80
C TYR A 190 6.06 1.38 0.10
N ALA A 191 5.74 0.89 1.28
CA ALA A 191 6.76 0.60 2.27
C ALA A 191 7.63 -0.58 1.88
N ALA A 192 7.10 -1.46 1.04
CA ALA A 192 7.81 -2.65 0.59
C ALA A 192 8.48 -2.46 -0.75
N ASP A 193 7.97 -1.53 -1.56
CA ASP A 193 8.35 -1.45 -2.97
C ASP A 193 9.06 -0.17 -3.43
N ASP A 194 8.75 0.95 -2.77
CA ASP A 194 9.11 2.26 -3.31
C ASP A 194 10.14 3.01 -2.47
N ILE A 195 10.63 2.37 -1.41
CA ILE A 195 11.61 3.01 -0.52
C ILE A 195 12.38 1.89 0.18
N THR A 196 13.63 2.17 0.57
CA THR A 196 14.42 1.18 1.28
C THR A 196 14.02 1.09 2.75
N HIS A 197 14.35 -0.03 3.40
CA HIS A 197 14.36 -0.05 4.86
C HIS A 197 15.71 -0.54 5.37
N CYS A 198 15.97 -0.28 6.65
CA CYS A 198 17.25 -0.61 7.25
C CYS A 198 17.10 -0.70 8.76
N ILE A 199 18.16 -1.21 9.39
CA ILE A 199 18.36 -1.12 10.81
C ILE A 199 19.63 -0.32 11.03
N ARG A 200 19.54 0.79 11.74
CA ARG A 200 20.71 1.60 12.01
C ARG A 200 21.49 1.05 13.18
N PRO A 201 22.82 1.09 13.10
CA PRO A 201 23.66 0.65 14.22
C PRO A 201 23.19 1.26 15.54
N GLN A 202 22.82 2.54 15.51
CA GLN A 202 22.42 3.27 16.70
C GLN A 202 21.12 2.75 17.32
N ASP A 203 20.35 1.96 16.57
CA ASP A 203 19.09 1.44 17.11
C ASP A 203 19.19 0.03 17.66
N ILE A 204 20.38 -0.55 17.55
CA ILE A 204 20.65 -1.84 18.17
C ILE A 204 21.61 -1.63 19.34
N LYS A 205 21.05 -1.42 20.52
CA LYS A 205 21.85 -1.17 21.72
C LYS A 205 22.02 -2.43 22.54
N GLU A 206 21.20 -3.43 22.24
CA GLU A 206 21.33 -4.74 22.85
C GLU A 206 20.99 -5.82 21.83
N ARG A 207 21.31 -7.06 22.14
CA ARG A 207 21.05 -8.16 21.22
C ARG A 207 19.61 -8.17 20.78
N ARG A 208 19.40 -8.25 19.47
CA ARG A 208 18.07 -8.35 18.92
C ARG A 208 18.07 -9.37 17.79
N ALA A 209 16.99 -10.12 17.67
CA ALA A 209 16.88 -11.06 16.56
C ALA A 209 15.56 -10.83 15.86
N VAL A 210 15.50 -11.20 14.60
CA VAL A 210 14.25 -11.05 13.85
C VAL A 210 14.04 -12.26 12.97
N ILE A 211 12.80 -12.74 12.91
CA ILE A 211 12.43 -13.79 11.97
C ILE A 211 11.66 -13.16 10.83
N ILE A 212 12.19 -13.30 9.61
CA ILE A 212 11.55 -12.73 8.43
C ILE A 212 10.91 -13.82 7.61
N LEU A 213 9.62 -13.67 7.37
CA LEU A 213 8.80 -14.70 6.74
C LEU A 213 8.32 -14.19 5.41
N ARG A 214 8.61 -14.93 4.35
CA ARG A 214 8.33 -14.47 3.01
C ARG A 214 7.86 -15.60 2.11
N LYS A 215 7.18 -15.22 1.04
CA LYS A 215 6.81 -16.14 -0.03
C LYS A 215 7.63 -15.81 -1.26
N THR A 216 8.35 -16.79 -1.80
CA THR A 216 9.05 -16.55 -3.06
C THR A 216 8.07 -16.64 -4.25
N ARG A 217 8.31 -15.78 -5.24
CA ARG A 217 7.53 -15.85 -6.48
C ARG A 217 7.76 -17.17 -7.20
N ALA A 218 6.70 -17.73 -7.79
CA ALA A 218 6.82 -18.97 -8.52
C ALA A 218 7.82 -18.83 -9.67
N ASP A 219 7.94 -17.61 -10.22
CA ASP A 219 8.87 -17.35 -11.30
C ASP A 219 10.17 -16.65 -10.86
N ALA A 220 10.48 -16.73 -9.57
CA ALA A 220 11.74 -16.18 -9.08
C ALA A 220 12.91 -16.85 -9.75
N PRO A 221 13.87 -16.06 -10.28
CA PRO A 221 15.03 -16.66 -10.94
C PRO A 221 15.91 -17.45 -9.96
N ARG A 222 16.39 -18.59 -10.43
CA ARG A 222 17.11 -19.49 -9.54
C ARG A 222 18.40 -19.92 -10.21
N LEU A 223 19.48 -19.95 -9.43
CA LEU A 223 20.75 -20.49 -9.89
C LEU A 223 20.60 -21.95 -10.29
N ASP A 224 21.45 -22.39 -11.21
CA ASP A 224 21.53 -23.81 -11.47
C ASP A 224 22.76 -24.37 -10.79
N SER A 225 22.82 -25.69 -10.73
CA SER A 225 23.99 -26.38 -10.23
C SER A 225 25.16 -26.25 -11.20
N ARG B 9 9.82 4.35 -18.50
CA ARG B 9 8.38 4.16 -18.50
C ARG B 9 7.97 2.90 -17.73
N ASP B 10 8.70 1.81 -17.94
CA ASP B 10 8.32 0.54 -17.34
C ASP B 10 8.64 0.46 -15.85
N ALA B 11 9.78 0.99 -15.45
CA ALA B 11 10.13 0.99 -14.02
C ALA B 11 9.21 1.93 -13.25
N GLU B 12 8.74 2.99 -13.90
CA GLU B 12 7.78 3.85 -13.23
C GLU B 12 6.43 3.12 -13.14
N ALA B 13 6.07 2.38 -14.20
CA ALA B 13 4.79 1.67 -14.22
C ALA B 13 4.73 0.70 -13.05
N ARG B 14 5.89 0.14 -12.73
CA ARG B 14 6.06 -0.71 -11.56
C ARG B 14 5.72 0.00 -10.26
N ARG B 15 6.27 1.20 -10.10
CA ARG B 15 5.99 2.00 -8.94
C ARG B 15 4.49 2.36 -8.90
N VAL B 16 3.90 2.64 -10.06
CA VAL B 16 2.48 2.96 -10.09
C VAL B 16 1.63 1.77 -9.64
N LYS B 17 1.94 0.57 -10.16
CA LYS B 17 1.22 -0.64 -9.75
C LYS B 17 1.29 -0.91 -8.25
N SER B 18 2.40 -0.53 -7.62
CA SER B 18 2.55 -0.73 -6.18
C SER B 18 1.48 0.02 -5.38
N GLY B 19 0.88 1.04 -5.98
CA GLY B 19 -0.13 1.85 -5.30
C GLY B 19 -1.53 1.61 -5.85
N ILE B 20 -1.72 0.54 -6.59
CA ILE B 20 -3.05 0.21 -7.09
C ILE B 20 -3.56 -1.11 -6.53
N LYS B 21 -4.76 -1.07 -5.94
CA LYS B 21 -5.49 -2.28 -5.63
C LYS B 21 -6.82 -2.25 -6.37
N GLN B 22 -7.22 -3.36 -6.98
CA GLN B 22 -8.54 -3.46 -7.58
C GLN B 22 -9.35 -4.61 -7.01
N ALA B 23 -10.66 -4.40 -6.97
CA ALA B 23 -11.59 -5.45 -6.57
C ALA B 23 -12.80 -5.41 -7.49
N SER B 24 -13.61 -6.46 -7.44
CA SER B 24 -14.87 -6.43 -8.16
C SER B 24 -15.98 -6.36 -7.12
N ILE B 25 -16.31 -7.50 -6.52
CA ILE B 25 -17.30 -7.62 -5.42
C ILE B 25 -18.74 -7.43 -5.90
N PHE B 26 -19.03 -6.26 -6.46
CA PHE B 26 -20.37 -6.01 -7.00
C PHE B 26 -20.65 -6.91 -8.21
N THR B 27 -21.76 -7.65 -8.17
CA THR B 27 -22.24 -8.39 -9.34
C THR B 27 -22.83 -7.38 -10.31
N LEU B 28 -23.07 -7.77 -11.57
CA LEU B 28 -23.64 -6.79 -12.49
C LEU B 28 -25.08 -6.45 -12.10
N GLU B 29 -25.80 -7.39 -11.51
CA GLU B 29 -27.16 -7.10 -11.05
C GLU B 29 -27.13 -6.07 -9.94
N GLU B 30 -26.15 -6.19 -9.03
CA GLU B 30 -25.96 -5.17 -8.01
C GLU B 30 -25.55 -3.83 -8.62
N CYS B 31 -24.74 -3.86 -9.68
CA CYS B 31 -24.37 -2.63 -10.37
C CYS B 31 -25.60 -1.94 -10.94
N ALA B 32 -26.49 -2.73 -11.55
CA ALA B 32 -27.68 -2.16 -12.18
C ALA B 32 -28.56 -1.46 -11.16
N ARG B 33 -28.62 -1.99 -9.95
CA ARG B 33 -29.43 -1.35 -8.90
C ARG B 33 -28.79 -0.04 -8.45
N ILE B 34 -27.46 -0.01 -8.35
CA ILE B 34 -26.77 1.24 -8.04
C ILE B 34 -26.89 2.24 -9.18
N GLU B 35 -26.86 1.74 -10.41
CA GLU B 35 -26.99 2.59 -11.58
C GLU B 35 -28.36 3.29 -11.60
N ALA B 36 -29.41 2.58 -11.16
CA ALA B 36 -30.72 3.22 -11.08
C ALA B 36 -30.74 4.34 -10.03
N LYS B 37 -29.98 4.19 -8.95
CA LYS B 37 -29.85 5.28 -7.96
C LYS B 37 -29.05 6.46 -8.53
N ILE B 38 -28.02 6.18 -9.33
CA ILE B 38 -27.27 7.25 -9.95
C ILE B 38 -28.22 8.04 -10.85
N ASP B 39 -29.10 7.33 -11.55
CA ASP B 39 -30.11 8.00 -12.38
C ASP B 39 -31.06 8.85 -11.53
N GLU B 40 -31.34 8.44 -10.29
CA GLU B 40 -32.16 9.28 -9.40
C GLU B 40 -31.45 10.61 -9.12
N VAL B 41 -30.15 10.55 -8.89
CA VAL B 41 -29.37 11.76 -8.64
C VAL B 41 -29.41 12.69 -9.85
N VAL B 42 -29.19 12.11 -11.03
CA VAL B 42 -29.21 12.90 -12.26
C VAL B 42 -30.58 13.56 -12.45
N ALA B 43 -31.65 12.81 -12.21
CA ALA B 43 -33.00 13.35 -12.36
C ALA B 43 -33.27 14.50 -11.38
N LYS B 44 -32.84 14.32 -10.14
CA LYS B 44 -33.03 15.35 -9.10
C LYS B 44 -32.27 16.63 -9.46
N ALA B 45 -31.04 16.48 -9.91
CA ALA B 45 -30.25 17.62 -10.37
C ALA B 45 -30.90 18.32 -11.55
N ASP B 46 -31.46 17.54 -12.48
CA ASP B 46 -32.09 18.09 -13.67
CA ASP B 46 -32.11 18.09 -13.68
C ASP B 46 -33.27 18.98 -13.29
N LYS B 47 -33.92 18.67 -12.17
CA LYS B 47 -35.08 19.43 -11.71
C LYS B 47 -34.69 20.63 -10.86
N GLY B 48 -33.39 20.82 -10.64
CA GLY B 48 -32.91 21.96 -9.87
C GLY B 48 -33.19 21.83 -8.38
N LEU B 49 -33.20 20.60 -7.89
CA LEU B 49 -33.64 20.37 -6.51
C LEU B 49 -32.49 20.21 -5.52
N TYR B 50 -31.25 20.39 -6.00
CA TYR B 50 -30.10 20.32 -5.12
C TYR B 50 -29.61 21.70 -4.73
N ARG B 51 -28.76 21.75 -3.69
CA ARG B 51 -27.97 22.96 -3.39
C ARG B 51 -27.10 23.30 -4.59
N GLU B 52 -26.90 24.59 -4.84
CA GLU B 52 -26.17 25.04 -6.02
C GLU B 52 -24.82 24.35 -6.23
N HIS B 53 -23.99 24.30 -5.19
CA HIS B 53 -22.62 23.82 -5.38
C HIS B 53 -22.49 22.29 -5.46
N THR B 54 -23.60 21.58 -5.26
CA THR B 54 -23.62 20.14 -5.46
C THR B 54 -23.36 19.73 -6.93
N VAL B 55 -23.78 20.56 -7.87
CA VAL B 55 -23.72 20.15 -9.29
C VAL B 55 -22.74 20.99 -10.08
N ASP B 56 -21.81 20.31 -10.76
CA ASP B 56 -20.89 20.98 -11.66
C ASP B 56 -21.07 20.41 -13.05
N ARG B 57 -21.45 21.26 -13.99
CA ARG B 57 -21.72 20.80 -15.35
C ARG B 57 -20.65 21.29 -16.30
N ALA B 58 -20.15 20.38 -17.12
CA ALA B 58 -19.17 20.71 -18.16
C ALA B 58 -19.60 19.99 -19.42
N PRO B 59 -19.00 20.35 -20.57
CA PRO B 59 -19.31 19.56 -21.77
C PRO B 59 -18.93 18.09 -21.60
N LEU B 60 -19.91 17.24 -21.85
CA LEU B 60 -19.76 15.79 -21.84
C LEU B 60 -19.46 15.20 -20.46
N ARG B 61 -19.58 16.00 -19.42
CA ARG B 61 -19.32 15.49 -18.08
C ARG B 61 -20.00 16.30 -17.00
N ASN B 62 -20.76 15.62 -16.14
CA ASN B 62 -21.32 16.24 -14.95
C ASN B 62 -20.69 15.68 -13.69
N LYS B 63 -20.53 16.52 -12.67
CA LYS B 63 -20.04 16.04 -11.39
C LYS B 63 -21.06 16.38 -10.33
N TYR B 64 -21.33 15.42 -9.45
CA TYR B 64 -22.27 15.66 -8.36
C TYR B 64 -21.56 15.49 -7.02
N PHE B 65 -21.41 16.58 -6.27
CA PHE B 65 -20.59 16.60 -5.05
C PHE B 65 -21.42 16.43 -3.78
N PHE B 66 -21.09 15.40 -3.00
CA PHE B 66 -21.80 15.15 -1.74
C PHE B 66 -20.85 15.08 -0.56
N GLY B 67 -21.30 15.55 0.60
CA GLY B 67 -20.52 15.44 1.82
C GLY B 67 -19.60 16.62 1.99
N GLU B 68 -18.70 16.82 1.03
CA GLU B 68 -17.85 18.01 0.99
C GLU B 68 -17.72 18.48 -0.46
N GLY B 69 -17.34 19.75 -0.66
CA GLY B 69 -17.10 20.29 -1.99
C GLY B 69 -15.93 21.23 -1.92
N TYR B 70 -15.41 21.69 -3.07
CA TYR B 70 -14.09 22.33 -3.10
C TYR B 70 -14.05 23.64 -3.89
N THR B 71 -13.33 24.61 -3.34
CA THR B 71 -13.19 25.98 -3.90
C THR B 71 -11.86 26.68 -3.64
N TYR B 72 -11.90 28.01 -3.76
CA TYR B 72 -10.76 28.93 -3.54
C TYR B 72 -11.25 30.21 -2.87
N GLY B 82 -2.16 23.97 -3.89
CA GLY B 82 -2.52 23.89 -2.49
C GLY B 82 -3.43 25.01 -2.04
N GLN B 83 -4.14 25.62 -2.99
CA GLN B 83 -4.98 26.76 -2.65
C GLN B 83 -6.47 26.37 -2.66
N GLU B 84 -6.74 25.12 -3.05
CA GLU B 84 -8.08 24.57 -2.91
C GLU B 84 -8.53 24.66 -1.46
N ARG B 85 -9.83 24.97 -1.29
CA ARG B 85 -10.43 25.07 0.03
C ARG B 85 -11.75 24.29 0.06
N LEU B 86 -12.05 23.68 1.19
CA LEU B 86 -13.38 23.09 1.37
C LEU B 86 -14.40 24.22 1.45
N TYR B 87 -15.55 24.02 0.80
CA TYR B 87 -16.71 24.88 1.09
C TYR B 87 -17.02 24.83 2.56
N SER B 88 -17.63 25.90 3.05
CA SER B 88 -18.22 25.92 4.38
C SER B 88 -19.18 24.73 4.49
N LYS B 89 -19.37 24.22 5.69
CA LYS B 89 -20.29 23.10 5.92
C LYS B 89 -21.71 23.42 5.45
N GLY B 90 -22.32 22.47 4.74
CA GLY B 90 -23.70 22.62 4.32
C GLY B 90 -23.89 23.30 2.97
N GLU B 91 -22.80 23.47 2.22
CA GLU B 91 -22.88 24.11 0.92
C GLU B 91 -23.20 23.11 -0.19
N VAL B 92 -22.76 21.87 0.00
CA VAL B 92 -23.17 20.79 -0.90
C VAL B 92 -24.10 19.85 -0.16
N ASP B 93 -24.75 18.98 -0.90
CA ASP B 93 -25.69 18.05 -0.31
C ASP B 93 -25.00 16.92 0.43
N ASP B 94 -25.74 16.29 1.34
CA ASP B 94 -25.22 15.17 2.09
C ASP B 94 -25.09 13.94 1.22
N ILE B 95 -24.18 13.05 1.59
CA ILE B 95 -24.08 11.76 0.91
C ILE B 95 -25.41 11.03 1.02
N PRO B 96 -26.00 10.65 -0.13
CA PRO B 96 -27.30 9.96 -0.08
C PRO B 96 -27.23 8.67 0.71
N ASP B 97 -28.34 8.29 1.35
CA ASP B 97 -28.37 7.06 2.13
C ASP B 97 -27.94 5.86 1.29
N TRP B 98 -28.36 5.82 0.03
CA TRP B 98 -28.07 4.63 -0.78
C TRP B 98 -26.58 4.45 -1.06
N VAL B 99 -25.83 5.55 -1.09
CA VAL B 99 -24.38 5.45 -1.31
C VAL B 99 -23.79 4.74 -0.09
N HIS B 100 -24.29 5.08 1.09
CA HIS B 100 -23.83 4.38 2.29
C HIS B 100 -24.23 2.90 2.26
N GLU B 101 -25.50 2.64 2.00
CA GLU B 101 -26.05 1.30 2.14
C GLU B 101 -25.54 0.34 1.07
N LEU B 102 -25.50 0.79 -0.18
CA LEU B 102 -25.21 -0.09 -1.31
C LEU B 102 -23.75 -0.11 -1.71
N VAL B 103 -23.01 0.93 -1.33
CA VAL B 103 -21.64 1.07 -1.81
C VAL B 103 -20.63 1.07 -0.67
N ILE B 104 -20.63 2.15 0.12
CA ILE B 104 -19.65 2.28 1.19
C ILE B 104 -19.68 1.10 2.15
N ASP B 105 -20.87 0.69 2.55
CA ASP B 105 -20.97 -0.41 3.51
C ASP B 105 -20.40 -1.72 2.98
N ARG B 106 -20.62 -2.02 1.69
CA ARG B 106 -20.04 -3.22 1.07
C ARG B 106 -18.52 -3.16 1.13
N LEU B 107 -17.96 -2.01 0.77
CA LEU B 107 -16.50 -1.84 0.77
C LEU B 107 -15.92 -2.01 2.18
N VAL B 108 -16.65 -1.53 3.18
CA VAL B 108 -16.20 -1.64 4.56
C VAL B 108 -16.22 -3.10 5.00
N THR B 109 -17.31 -3.81 4.68
CA THR B 109 -17.43 -5.23 5.02
C THR B 109 -16.30 -6.05 4.41
N HIS B 110 -15.88 -5.68 3.20
CA HIS B 110 -14.83 -6.39 2.51
C HIS B 110 -13.43 -5.85 2.85
N GLY B 111 -13.36 -4.98 3.84
CA GLY B 111 -12.09 -4.48 4.34
C GLY B 111 -11.29 -3.62 3.37
N VAL B 112 -11.98 -3.00 2.42
CA VAL B 112 -11.32 -2.14 1.47
C VAL B 112 -10.95 -0.79 2.11
N ILE B 113 -11.83 -0.32 2.99
CA ILE B 113 -11.64 0.93 3.72
C ILE B 113 -12.22 0.76 5.11
N PRO B 114 -11.73 1.54 6.09
CA PRO B 114 -12.27 1.47 7.45
C PRO B 114 -13.70 1.98 7.54
N GLU B 115 -14.46 1.48 8.51
CA GLU B 115 -15.77 2.03 8.82
C GLU B 115 -15.59 3.50 9.22
N GLY B 116 -16.44 4.38 8.71
CA GLY B 116 -16.38 5.80 9.02
C GLY B 116 -15.37 6.63 8.22
N PHE B 117 -14.58 5.98 7.37
CA PHE B 117 -13.55 6.66 6.58
C PHE B 117 -14.15 7.66 5.59
N VAL B 118 -15.09 7.20 4.78
CA VAL B 118 -15.65 8.08 3.75
C VAL B 118 -16.53 9.19 4.32
N ASN B 119 -16.19 10.44 3.99
CA ASN B 119 -17.08 11.57 4.31
C ASN B 119 -17.34 12.45 3.10
N SER B 120 -16.85 12.02 1.94
CA SER B 120 -17.06 12.74 0.68
CA SER B 120 -17.15 12.74 0.71
C SER B 120 -17.34 11.74 -0.42
N ALA B 121 -18.34 12.03 -1.26
CA ALA B 121 -18.62 11.18 -2.41
C ALA B 121 -18.92 12.07 -3.59
N VAL B 122 -18.19 11.88 -4.68
CA VAL B 122 -18.50 12.58 -5.91
C VAL B 122 -18.91 11.58 -6.97
N ILE B 123 -20.02 11.85 -7.64
CA ILE B 123 -20.40 11.05 -8.80
C ILE B 123 -20.04 11.80 -10.07
N ASN B 124 -19.14 11.21 -10.88
CA ASN B 124 -18.84 11.73 -12.23
C ASN B 124 -19.68 11.00 -13.26
N ASP B 125 -20.42 11.73 -14.10
CA ASP B 125 -21.24 11.09 -15.12
C ASP B 125 -20.76 11.58 -16.49
N TYR B 126 -20.17 10.67 -17.27
CA TYR B 126 -19.58 11.00 -18.56
C TYR B 126 -20.46 10.61 -19.73
N GLN B 127 -20.64 11.55 -20.66
CA GLN B 127 -21.18 11.21 -21.97
C GLN B 127 -20.05 10.68 -22.84
N PRO B 128 -20.38 9.95 -23.93
CA PRO B 128 -19.33 9.48 -24.85
C PRO B 128 -18.39 10.60 -25.27
N GLY B 129 -17.09 10.35 -25.18
CA GLY B 129 -16.12 11.36 -25.54
C GLY B 129 -15.75 12.31 -24.41
N GLY B 130 -16.41 12.15 -23.27
CA GLY B 130 -16.07 12.95 -22.09
C GLY B 130 -14.73 12.48 -21.54
N CYS B 131 -14.13 13.27 -20.67
CA CYS B 131 -12.84 12.87 -20.12
C CYS B 131 -12.57 13.57 -18.79
N ILE B 132 -11.45 13.25 -18.17
CA ILE B 132 -10.95 14.07 -17.07
C ILE B 132 -9.44 14.22 -17.26
N VAL B 133 -8.99 15.47 -17.34
CA VAL B 133 -7.60 15.77 -17.65
C VAL B 133 -6.73 15.40 -16.46
N SER B 134 -5.53 14.92 -16.75
CA SER B 134 -4.52 14.53 -15.76
C SER B 134 -4.47 15.43 -14.55
N HIS B 135 -4.48 14.81 -13.37
CA HIS B 135 -4.40 15.53 -12.12
C HIS B 135 -3.94 14.61 -11.01
N VAL B 136 -3.60 15.22 -9.89
CA VAL B 136 -3.41 14.53 -8.63
C VAL B 136 -4.51 15.04 -7.70
N ASP B 137 -5.22 14.14 -7.02
CA ASP B 137 -6.23 14.57 -6.06
C ASP B 137 -5.48 15.30 -4.93
N PRO B 138 -5.85 16.57 -4.64
CA PRO B 138 -5.06 17.41 -3.73
C PRO B 138 -4.69 16.76 -2.41
N ILE B 139 -3.38 16.76 -2.16
CA ILE B 139 -2.78 16.13 -0.98
C ILE B 139 -3.17 16.85 0.30
N HIS B 140 -3.39 18.15 0.19
CA HIS B 140 -3.73 18.95 1.37
C HIS B 140 -5.21 18.88 1.67
N ILE B 141 -5.99 18.28 0.78
CA ILE B 141 -7.43 18.15 1.02
C ILE B 141 -7.82 16.71 1.37
N PHE B 142 -7.33 15.75 0.60
CA PHE B 142 -7.80 14.37 0.74
C PHE B 142 -6.78 13.44 1.36
N GLU B 143 -7.21 12.72 2.39
CA GLU B 143 -6.46 11.56 2.86
C GLU B 143 -6.41 10.51 1.76
N ARG B 144 -5.54 9.52 1.94
CA ARG B 144 -5.54 8.36 1.08
C ARG B 144 -6.02 7.15 1.90
N PRO B 145 -6.50 6.10 1.23
CA PRO B 145 -6.56 5.89 -0.21
C PRO B 145 -7.72 6.61 -0.85
N ILE B 146 -7.65 6.72 -2.17
CA ILE B 146 -8.73 7.26 -2.99
C ILE B 146 -9.45 6.10 -3.65
N VAL B 147 -10.76 5.98 -3.44
CA VAL B 147 -11.49 4.81 -3.92
C VAL B 147 -12.50 5.22 -4.98
N SER B 148 -12.56 4.45 -6.05
CA SER B 148 -13.55 4.71 -7.07
C SER B 148 -14.28 3.44 -7.41
N VAL B 149 -15.57 3.56 -7.72
CA VAL B 149 -16.32 2.40 -8.19
C VAL B 149 -17.00 2.82 -9.49
N SER B 150 -16.80 2.04 -10.54
CA SER B 150 -17.22 2.40 -11.89
C SER B 150 -18.53 1.73 -12.28
N PHE B 151 -19.33 2.44 -13.07
CA PHE B 151 -20.65 1.97 -13.46
C PHE B 151 -20.98 2.21 -14.93
N PHE B 152 -22.00 1.49 -15.39
CA PHE B 152 -22.62 1.58 -16.72
C PHE B 152 -21.83 0.94 -17.85
N SER B 153 -20.51 1.14 -17.87
CA SER B 153 -19.73 0.58 -18.96
C SER B 153 -18.27 0.41 -18.55
N ASP B 154 -17.51 -0.30 -19.39
CA ASP B 154 -16.08 -0.51 -19.19
C ASP B 154 -15.27 0.66 -19.73
N SER B 155 -14.11 0.89 -19.13
CA SER B 155 -13.24 1.96 -19.55
C SER B 155 -11.83 1.67 -19.05
N ALA B 156 -11.02 2.70 -18.92
CA ALA B 156 -9.64 2.55 -18.48
C ALA B 156 -9.22 3.80 -17.72
N LEU B 157 -8.42 3.61 -16.67
CA LEU B 157 -7.82 4.72 -15.94
C LEU B 157 -6.36 4.78 -16.35
N CYS B 158 -5.89 5.95 -16.79
CA CYS B 158 -4.53 6.04 -17.27
C CYS B 158 -3.69 6.93 -16.35
N PHE B 159 -2.39 6.65 -16.31
CA PHE B 159 -1.48 7.39 -15.44
C PHE B 159 -0.36 8.02 -16.23
N GLY B 160 -0.01 9.25 -15.87
CA GLY B 160 1.17 9.90 -16.42
C GLY B 160 1.01 10.45 -17.83
N CYS B 161 -0.22 10.73 -18.25
CA CYS B 161 -0.48 11.25 -19.59
C CYS B 161 -0.36 12.76 -19.64
N LYS B 162 0.07 13.27 -20.80
CA LYS B 162 -0.04 14.69 -21.08
C LYS B 162 -1.20 14.92 -22.01
N PHE B 163 -1.92 16.01 -21.79
CA PHE B 163 -3.02 16.41 -22.66
C PHE B 163 -2.68 17.66 -23.44
N LEU B 164 -2.94 17.63 -24.75
CA LEU B 164 -3.05 18.86 -25.54
C LEU B 164 -4.52 19.06 -25.91
N PHE B 165 -4.85 20.27 -26.32
CA PHE B 165 -6.23 20.60 -26.68
C PHE B 165 -6.31 21.27 -28.05
N LYS B 166 -7.54 21.36 -28.57
CA LYS B 166 -7.81 21.94 -29.88
C LYS B 166 -6.92 21.38 -30.99
N PRO B 167 -7.04 20.07 -31.27
CA PRO B 167 -7.94 19.09 -30.66
C PRO B 167 -7.27 18.36 -29.51
N ILE B 168 -8.06 17.65 -28.71
CA ILE B 168 -7.50 16.86 -27.62
C ILE B 168 -6.55 15.80 -28.17
N ARG B 169 -5.35 15.77 -27.61
CA ARG B 169 -4.34 14.79 -27.99
C ARG B 169 -3.73 14.32 -26.69
N VAL B 170 -3.56 13.01 -26.53
CA VAL B 170 -3.11 12.48 -25.24
C VAL B 170 -1.89 11.57 -25.44
N SER B 171 -0.88 11.78 -24.61
CA SER B 171 0.39 11.06 -24.76
C SER B 171 0.24 9.62 -24.27
N GLU B 172 1.24 8.78 -24.54
CA GLU B 172 1.13 7.38 -24.12
C GLU B 172 1.16 7.25 -22.60
N PRO B 173 0.20 6.48 -22.03
CA PRO B 173 0.18 6.28 -20.59
C PRO B 173 1.43 5.59 -20.09
N VAL B 174 1.90 6.03 -18.93
CA VAL B 174 2.90 5.29 -18.21
C VAL B 174 2.28 3.95 -17.79
N LEU B 175 1.03 4.01 -17.35
CA LEU B 175 0.28 2.80 -17.04
C LEU B 175 -1.15 2.96 -17.50
N HIS B 176 -1.65 1.91 -18.16
CA HIS B 176 -3.03 1.81 -18.61
C HIS B 176 -3.72 0.74 -17.78
N LEU B 177 -4.72 1.14 -17.00
CA LEU B 177 -5.41 0.23 -16.10
C LEU B 177 -6.85 0.02 -16.56
N PRO B 178 -7.16 -1.17 -17.08
CA PRO B 178 -8.57 -1.42 -17.42
C PRO B 178 -9.46 -1.29 -16.21
N VAL B 179 -10.61 -0.65 -16.37
CA VAL B 179 -11.56 -0.52 -15.28
CA VAL B 179 -11.56 -0.54 -15.28
C VAL B 179 -12.94 -0.92 -15.80
N ARG B 180 -13.31 -2.17 -15.54
CA ARG B 180 -14.57 -2.68 -16.04
C ARG B 180 -15.72 -2.11 -15.23
N ARG B 181 -16.90 -2.18 -15.81
CA ARG B 181 -18.12 -1.90 -15.07
C ARG B 181 -18.11 -2.67 -13.75
N GLY B 182 -18.37 -1.97 -12.65
CA GLY B 182 -18.39 -2.58 -11.34
C GLY B 182 -17.02 -2.65 -10.67
N SER B 183 -15.99 -2.19 -11.36
CA SER B 183 -14.64 -2.24 -10.79
C SER B 183 -14.46 -1.29 -9.63
N VAL B 184 -13.81 -1.78 -8.58
CA VAL B 184 -13.39 -0.96 -7.46
C VAL B 184 -11.90 -0.67 -7.61
N THR B 185 -11.52 0.60 -7.70
CA THR B 185 -10.11 0.91 -7.87
C THR B 185 -9.63 1.72 -6.68
N VAL B 186 -8.54 1.28 -6.06
CA VAL B 186 -8.04 1.91 -4.83
C VAL B 186 -6.63 2.45 -5.05
N LEU B 187 -6.49 3.77 -4.99
CA LEU B 187 -5.19 4.41 -5.24
C LEU B 187 -4.55 4.83 -3.94
N SER B 188 -3.29 4.45 -3.76
CA SER B 188 -2.51 4.88 -2.63
C SER B 188 -1.08 5.15 -3.05
N GLY B 189 -0.25 5.58 -2.10
CA GLY B 189 1.18 5.70 -2.32
C GLY B 189 1.57 6.43 -3.59
N TYR B 190 2.40 5.78 -4.40
CA TYR B 190 2.94 6.36 -5.62
C TYR B 190 1.84 6.71 -6.62
N ALA B 191 0.88 5.80 -6.76
CA ALA B 191 -0.19 5.96 -7.76
C ALA B 191 -1.10 7.13 -7.42
N ALA B 192 -1.19 7.45 -6.13
CA ALA B 192 -2.05 8.53 -5.66
C ALA B 192 -1.36 9.88 -5.58
N ASP B 193 -0.04 9.86 -5.40
CA ASP B 193 0.67 11.09 -5.02
C ASP B 193 1.77 11.53 -5.97
N ASP B 194 2.39 10.59 -6.65
CA ASP B 194 3.63 10.87 -7.38
C ASP B 194 3.49 10.83 -8.89
N ILE B 195 2.25 10.70 -9.35
CA ILE B 195 1.97 10.66 -10.76
C ILE B 195 0.52 11.08 -10.96
N THR B 196 0.20 11.64 -12.11
CA THR B 196 -1.17 12.01 -12.40
C THR B 196 -1.98 10.82 -12.87
N HIS B 197 -3.30 10.94 -12.77
CA HIS B 197 -4.19 10.03 -13.47
C HIS B 197 -5.22 10.80 -14.27
N CYS B 198 -5.88 10.11 -15.20
CA CYS B 198 -6.78 10.76 -16.15
C CYS B 198 -7.72 9.72 -16.75
N ILE B 199 -8.78 10.20 -17.39
CA ILE B 199 -9.59 9.37 -18.24
C ILE B 199 -9.51 10.00 -19.62
N ARG B 200 -9.06 9.23 -20.60
CA ARG B 200 -8.97 9.68 -22.00
C ARG B 200 -10.31 9.62 -22.71
N PRO B 201 -10.60 10.60 -23.58
CA PRO B 201 -11.85 10.58 -24.35
C PRO B 201 -12.08 9.27 -25.11
N GLN B 202 -11.01 8.67 -25.61
CA GLN B 202 -11.09 7.46 -26.41
C GLN B 202 -11.57 6.28 -25.59
N ASP B 203 -11.48 6.40 -24.27
CA ASP B 203 -11.87 5.32 -23.38
C ASP B 203 -13.27 5.47 -22.82
N ILE B 204 -13.97 6.50 -23.28
CA ILE B 204 -15.39 6.66 -22.96
C ILE B 204 -16.18 6.60 -24.27
N LYS B 205 -16.59 5.39 -24.66
CA LYS B 205 -17.33 5.23 -25.91
C LYS B 205 -18.83 5.18 -25.69
N GLU B 206 -19.22 4.96 -24.44
CA GLU B 206 -20.62 5.07 -24.08
C GLU B 206 -20.70 5.64 -22.68
N ARG B 207 -21.90 5.94 -22.21
CA ARG B 207 -22.06 6.51 -20.88
C ARG B 207 -21.32 5.69 -19.83
N ARG B 208 -20.60 6.39 -18.97
CA ARG B 208 -19.91 5.79 -17.85
C ARG B 208 -20.08 6.70 -16.66
N ALA B 209 -20.33 6.15 -15.49
CA ALA B 209 -20.35 6.96 -14.29
C ALA B 209 -19.43 6.34 -13.27
N VAL B 210 -18.90 7.16 -12.37
CA VAL B 210 -18.00 6.67 -11.33
CA VAL B 210 -18.00 6.66 -11.33
C VAL B 210 -18.34 7.33 -10.02
N ILE B 211 -18.33 6.55 -8.95
CA ILE B 211 -18.51 7.09 -7.63
C ILE B 211 -17.13 7.16 -6.98
N ILE B 212 -16.67 8.37 -6.69
CA ILE B 212 -15.38 8.54 -6.04
C ILE B 212 -15.57 8.80 -4.54
N LEU B 213 -14.98 7.95 -3.73
CA LEU B 213 -15.16 7.97 -2.30
C LEU B 213 -13.87 8.39 -1.62
N ARG B 214 -13.92 9.42 -0.79
CA ARG B 214 -12.69 9.95 -0.20
C ARG B 214 -12.91 10.44 1.22
N LYS B 215 -11.82 10.52 1.96
CA LYS B 215 -11.83 11.14 3.28
C LYS B 215 -11.10 12.46 3.20
N THR B 216 -11.74 13.53 3.64
CA THR B 216 -11.04 14.80 3.71
C THR B 216 -10.24 14.82 5.01
N ARG B 217 -9.06 15.43 4.93
CA ARG B 217 -8.21 15.59 6.11
C ARG B 217 -8.90 16.43 7.15
N ALA B 218 -8.70 16.07 8.41
CA ALA B 218 -9.22 16.85 9.52
C ALA B 218 -8.72 18.30 9.43
N ASP B 219 -7.48 18.47 9.01
CA ASP B 219 -6.88 19.80 8.94
C ASP B 219 -7.06 20.48 7.58
N ALA B 220 -7.93 19.93 6.73
CA ALA B 220 -8.18 20.55 5.43
C ALA B 220 -8.74 21.96 5.61
N PRO B 221 -8.19 22.94 4.88
CA PRO B 221 -8.65 24.32 5.03
C PRO B 221 -10.03 24.57 4.44
N ARG B 222 -10.86 25.34 5.15
CA ARG B 222 -12.16 25.76 4.61
C ARG B 222 -12.20 27.24 4.29
N LEU B 223 -13.24 27.62 3.56
CA LEU B 223 -13.64 29.02 3.49
C LEU B 223 -14.39 29.38 4.76
MN MN C . 14.63 -6.42 4.32
C1 AKG D . 16.39 -7.97 6.20
O1 AKG D . 17.10 -8.85 6.74
O2 AKG D . 16.18 -8.01 4.97
C2 AKG D . 15.73 -6.90 7.06
O5 AKG D . 15.02 -6.04 6.60
C3 AKG D . 16.00 -6.96 8.58
C4 AKG D . 14.80 -6.25 9.19
C5 AKG D . 14.87 -6.25 10.73
O3 AKG D . 13.78 -6.03 11.31
O4 AKG D . 15.96 -6.49 11.27
MN MN E . -8.95 11.97 -9.53
C1 AKG F . -11.68 12.34 -10.49
O1 AKG F . -12.86 12.71 -10.61
O2 AKG F . -10.92 12.96 -9.72
C2 AKG F . -11.17 11.11 -11.26
O5 AKG F . -10.00 10.75 -11.17
C3 AKG F . -12.17 10.37 -12.16
C4 AKG F . -11.68 8.91 -12.19
C5 AKG F . -12.60 8.01 -13.04
O3 AKG F . -13.38 8.54 -13.85
O4 AKG F . -12.50 6.78 -12.83
#